data_8D7N
#
_entry.id   8D7N
#
_cell.length_a   55.900
_cell.length_b   136.030
_cell.length_c   90.540
_cell.angle_alpha   90.00
_cell.angle_beta   94.60
_cell.angle_gamma   90.00
#
_symmetry.space_group_name_H-M   'C 1 2 1'
#
loop_
_entity.id
_entity.type
_entity.pdbx_description
1 polymer 'Casein kinase I isoform delta'
2 polymer 'Period circadian protein homolog 2 peptide'
3 water water
#
loop_
_entity_poly.entity_id
_entity_poly.type
_entity_poly.pdbx_seq_one_letter_code
_entity_poly.pdbx_strand_id
1 'polypeptide(L)'
;GAMDPEFMELRVGNRYRLGRKIGSGSFGDIYLGTDIAAGEEVAIKLECVKTKHPQLHIESKIYKMMQGGVGIPTIRWCGA
EGDYNVMVMELLGPSLEDLFNFCSRKFSLKTVLLLADQMISRIEYIHSKNFIHRDVKPDNFLMGLGKKGNLVYIIDFGLA
KKYRDARTHQHIPYRENKNLTGTARYASINTHLGIEQSRRDDLESLGYVLMYFNLGSLPWQGLKAATKRQKYERISEKKM
STPIEVLCKGYPSEFATYLNFCRSLRFDDKPDYSYLRQLFRNLFHRQGFSYDYVFDWNMLK
;
A,B
2 'polypeptide(L)' GKAE(SEP)VA(SEP)LT(SEP)Q C,D
#
# COMPACT_ATOMS: atom_id res chain seq x y z
N GLU A 9 -7.72 -0.40 23.75
CA GLU A 9 -7.25 -0.27 22.38
C GLU A 9 -7.18 -1.64 21.72
N LEU A 10 -7.15 -1.64 20.38
CA LEU A 10 -7.18 -2.87 19.62
C LEU A 10 -5.76 -3.43 19.49
N ARG A 11 -5.55 -4.64 20.02
CA ARG A 11 -4.24 -5.29 20.05
C ARG A 11 -4.37 -6.77 19.69
N VAL A 12 -3.76 -7.18 18.57
CA VAL A 12 -3.71 -8.59 18.20
C VAL A 12 -2.71 -9.30 19.10
N GLY A 13 -3.01 -10.52 19.49
CA GLY A 13 -2.17 -11.23 20.43
C GLY A 13 -2.14 -10.60 21.79
N ASN A 14 -3.13 -9.78 22.11
CA ASN A 14 -3.19 -8.99 23.35
C ASN A 14 -1.96 -8.09 23.50
N ARG A 15 -1.14 -7.98 22.48
CA ARG A 15 0.19 -7.44 22.66
C ARG A 15 0.65 -6.46 21.59
N TYR A 16 0.09 -6.52 20.37
CA TYR A 16 0.58 -5.74 19.25
C TYR A 16 -0.55 -4.81 18.85
N ARG A 17 -0.32 -3.51 18.97
CA ARG A 17 -1.35 -2.56 18.57
C ARG A 17 -1.38 -2.49 17.05
N LEU A 18 -2.58 -2.49 16.48
CA LEU A 18 -2.71 -2.50 15.03
C LEU A 18 -2.56 -1.10 14.46
N GLY A 19 -1.67 -0.97 13.48
CA GLY A 19 -1.47 0.26 12.76
C GLY A 19 -2.01 0.23 11.36
N ARG A 20 -1.50 1.13 10.53
CA ARG A 20 -2.09 1.30 9.21
C ARG A 20 -1.74 0.12 8.30
N LYS A 21 -2.59 -0.07 7.29
CA LYS A 21 -2.32 -1.11 6.31
C LYS A 21 -1.16 -0.67 5.43
N ILE A 22 -0.20 -1.58 5.20
CA ILE A 22 0.98 -1.26 4.41
C ILE A 22 1.11 -2.15 3.18
N GLY A 23 0.22 -3.11 2.99
CA GLY A 23 0.30 -3.97 1.84
C GLY A 23 -0.85 -4.95 1.82
N SER A 24 -1.09 -5.50 0.65
CA SER A 24 -2.15 -6.48 0.45
C SER A 24 -1.71 -7.40 -0.66
N GLY A 25 -1.96 -8.69 -0.48
CA GLY A 25 -1.63 -9.70 -1.47
C GLY A 25 -2.68 -10.77 -1.46
N SER A 26 -2.46 -11.77 -2.31
CA SER A 26 -3.43 -12.86 -2.43
C SER A 26 -3.57 -13.66 -1.14
N PHE A 27 -2.61 -13.55 -0.21
CA PHE A 27 -2.58 -14.39 0.98
C PHE A 27 -2.75 -13.58 2.25
N GLY A 28 -3.32 -12.38 2.16
CA GLY A 28 -3.61 -11.60 3.34
C GLY A 28 -3.11 -10.14 3.18
N ASP A 29 -3.56 -9.35 4.17
CA ASP A 29 -3.14 -7.95 4.24
C ASP A 29 -2.03 -7.81 5.29
N ILE A 30 -1.18 -6.83 5.08
CA ILE A 30 -0.07 -6.58 5.98
C ILE A 30 -0.30 -5.21 6.62
N TYR A 31 -0.15 -5.16 7.94
CA TYR A 31 -0.33 -3.92 8.68
C TYR A 31 0.92 -3.62 9.49
N LEU A 32 1.18 -2.34 9.73
CA LEU A 32 2.15 -2.00 10.78
C LEU A 32 1.58 -2.40 12.14
N GLY A 33 2.47 -2.79 13.06
CA GLY A 33 2.05 -3.03 14.43
C GLY A 33 3.10 -2.49 15.38
N THR A 34 2.69 -2.36 16.64
CA THR A 34 3.59 -1.90 17.69
C THR A 34 3.45 -2.84 18.87
N ASP A 35 4.55 -3.48 19.24
CA ASP A 35 4.63 -4.33 20.43
C ASP A 35 4.58 -3.45 21.66
N ILE A 36 3.50 -3.56 22.44
CA ILE A 36 3.38 -2.68 23.59
C ILE A 36 4.44 -3.02 24.62
N ALA A 37 4.93 -4.28 24.61
CA ALA A 37 5.94 -4.68 25.59
C ALA A 37 7.23 -3.87 25.41
N ALA A 38 7.67 -3.68 24.16
CA ALA A 38 8.95 -3.04 23.89
C ALA A 38 8.85 -1.77 23.05
N GLY A 39 7.68 -1.43 22.54
CA GLY A 39 7.59 -0.41 21.52
C GLY A 39 8.16 -0.83 20.17
N GLU A 40 8.64 -2.06 20.05
CA GLU A 40 9.16 -2.55 18.78
C GLU A 40 8.07 -2.49 17.72
N GLU A 41 8.34 -1.85 16.58
CA GLU A 41 7.42 -1.93 15.47
C GLU A 41 7.56 -3.30 14.80
N VAL A 42 6.43 -3.84 14.34
CA VAL A 42 6.36 -5.17 13.77
C VAL A 42 5.48 -5.09 12.53
N ALA A 43 5.43 -6.19 11.80
CA ALA A 43 4.52 -6.33 10.68
C ALA A 43 3.52 -7.40 11.05
N ILE A 44 2.25 -7.12 10.81
CA ILE A 44 1.16 -8.01 11.18
C ILE A 44 0.47 -8.44 9.90
N LYS A 45 0.52 -9.74 9.60
CA LYS A 45 -0.16 -10.32 8.46
C LYS A 45 -1.46 -10.95 8.93
N LEU A 46 -2.55 -10.55 8.28
CA LEU A 46 -3.87 -11.09 8.59
C LEU A 46 -4.46 -11.82 7.39
N GLU A 47 -5.06 -12.98 7.66
CA GLU A 47 -5.76 -13.77 6.66
C GLU A 47 -7.15 -14.12 7.20
N CYS A 48 -8.18 -13.89 6.38
CA CYS A 48 -9.55 -14.14 6.84
C CYS A 48 -9.74 -15.63 7.06
N VAL A 49 -10.31 -16.00 8.21
CA VAL A 49 -10.47 -17.43 8.61
C VAL A 49 -11.46 -18.12 7.68
N LYS A 50 -12.19 -17.35 6.86
CA LYS A 50 -13.20 -17.90 5.90
C LYS A 50 -12.52 -18.12 4.55
N THR A 51 -11.24 -17.77 4.41
CA THR A 51 -10.46 -17.94 3.16
C THR A 51 -10.75 -19.28 2.49
N LYS A 52 -10.88 -19.32 1.16
CA LYS A 52 -11.07 -20.56 0.41
C LYS A 52 -10.19 -21.69 0.96
N HIS A 53 -8.87 -21.50 0.92
CA HIS A 53 -7.93 -22.48 1.44
C HIS A 53 -6.95 -21.78 2.38
N PRO A 54 -7.15 -21.88 3.69
CA PRO A 54 -6.22 -21.26 4.63
C PRO A 54 -4.77 -21.58 4.29
N GLN A 55 -3.90 -20.57 4.42
CA GLN A 55 -2.51 -20.65 4.01
C GLN A 55 -1.54 -20.03 5.00
N LEU A 56 -1.95 -19.06 5.80
CA LEU A 56 -1.00 -18.37 6.67
C LEU A 56 -0.41 -19.30 7.72
N HIS A 57 -1.20 -20.21 8.29
CA HIS A 57 -0.61 -21.08 9.30
C HIS A 57 0.47 -21.96 8.68
N ILE A 58 0.26 -22.39 7.44
CA ILE A 58 1.30 -23.17 6.76
C ILE A 58 2.51 -22.29 6.47
N GLU A 59 2.29 -21.07 6.00
CA GLU A 59 3.41 -20.15 5.81
C GLU A 59 4.20 -19.97 7.10
N SER A 60 3.50 -19.91 8.23
CA SER A 60 4.19 -19.73 9.50
C SER A 60 5.05 -20.92 9.83
N LYS A 61 4.60 -22.12 9.47
CA LYS A 61 5.40 -23.31 9.75
C LYS A 61 6.68 -23.27 8.92
N ILE A 62 6.60 -22.76 7.70
CA ILE A 62 7.80 -22.64 6.86
C ILE A 62 8.78 -21.65 7.48
N TYR A 63 8.27 -20.49 7.91
CA TYR A 63 9.17 -19.52 8.52
C TYR A 63 9.86 -20.13 9.74
N LYS A 64 9.12 -20.89 10.55
CA LYS A 64 9.72 -21.50 11.74
C LYS A 64 10.82 -22.48 11.35
N MET A 65 10.61 -23.25 10.28
CA MET A 65 11.65 -24.18 9.83
C MET A 65 12.89 -23.45 9.32
N MET A 66 12.78 -22.18 8.92
CA MET A 66 13.91 -21.47 8.36
C MET A 66 14.60 -20.54 9.35
N GLN A 67 14.09 -20.44 10.58
CA GLN A 67 14.61 -19.47 11.53
C GLN A 67 16.08 -19.71 11.77
N GLY A 68 16.80 -18.62 12.01
CA GLY A 68 18.22 -18.65 12.18
C GLY A 68 19.02 -18.48 10.91
N GLY A 69 18.43 -18.74 9.75
CA GLY A 69 19.14 -18.53 8.51
C GLY A 69 19.39 -17.06 8.26
N VAL A 70 20.50 -16.77 7.58
CA VAL A 70 20.83 -15.39 7.23
C VAL A 70 19.73 -14.80 6.38
N GLY A 71 19.25 -13.62 6.75
CA GLY A 71 18.27 -12.99 5.90
C GLY A 71 16.87 -13.57 5.95
N ILE A 72 16.53 -14.29 7.01
CA ILE A 72 15.18 -14.83 7.19
C ILE A 72 14.53 -14.04 8.33
N PRO A 73 13.40 -13.40 8.09
CA PRO A 73 12.77 -12.65 9.17
C PRO A 73 12.33 -13.58 10.29
N THR A 74 12.33 -13.03 11.50
CA THR A 74 11.88 -13.75 12.67
C THR A 74 10.39 -13.57 12.85
N ILE A 75 9.71 -14.66 13.20
CA ILE A 75 8.28 -14.66 13.48
C ILE A 75 8.10 -14.48 14.98
N ARG A 76 7.27 -13.51 15.36
CA ARG A 76 7.06 -13.25 16.78
C ARG A 76 5.83 -13.94 17.37
N TRP A 77 4.75 -14.09 16.60
CA TRP A 77 3.53 -14.63 17.14
C TRP A 77 2.68 -15.17 16.00
N CYS A 78 1.97 -16.25 16.27
CA CYS A 78 1.03 -16.84 15.34
C CYS A 78 -0.15 -17.33 16.16
N GLY A 79 -1.36 -16.96 15.74
CA GLY A 79 -2.57 -17.39 16.45
C GLY A 79 -3.79 -17.02 15.63
N ALA A 80 -4.94 -17.44 16.14
CA ALA A 80 -6.22 -17.08 15.54
C ALA A 80 -6.91 -16.12 16.47
N GLU A 81 -7.40 -15.01 15.93
CA GLU A 81 -8.13 -14.04 16.76
C GLU A 81 -9.23 -13.37 15.95
N GLY A 82 -10.46 -13.48 16.44
CA GLY A 82 -11.59 -12.89 15.73
C GLY A 82 -11.79 -13.57 14.40
N ASP A 83 -11.90 -12.78 13.34
CA ASP A 83 -12.10 -13.31 12.01
C ASP A 83 -10.80 -13.53 11.26
N TYR A 84 -9.66 -13.56 11.96
CA TYR A 84 -8.38 -13.63 11.28
C TYR A 84 -7.46 -14.67 11.89
N ASN A 85 -6.73 -15.33 11.00
CA ASN A 85 -5.46 -15.95 11.35
C ASN A 85 -4.41 -14.86 11.35
N VAL A 86 -3.53 -14.88 12.33
CA VAL A 86 -2.58 -13.80 12.55
C VAL A 86 -1.15 -14.33 12.49
N MET A 87 -0.27 -13.57 11.84
CA MET A 87 1.15 -13.87 11.88
C MET A 87 1.87 -12.55 12.09
N VAL A 88 2.56 -12.42 13.21
CA VAL A 88 3.31 -11.21 13.53
C VAL A 88 4.78 -11.47 13.28
N MET A 89 5.40 -10.61 12.48
CA MET A 89 6.77 -10.74 12.02
C MET A 89 7.61 -9.54 12.41
N GLU A 90 8.90 -9.76 12.56
CA GLU A 90 9.84 -8.65 12.66
C GLU A 90 9.64 -7.71 11.47
N LEU A 91 9.66 -6.42 11.76
CA LEU A 91 9.52 -5.41 10.72
C LEU A 91 10.87 -5.21 10.06
N LEU A 92 10.90 -5.32 8.76
CA LEU A 92 12.12 -5.08 8.03
C LEU A 92 12.04 -3.72 7.37
N GLY A 93 13.07 -3.40 6.58
CA GLY A 93 13.13 -2.14 5.89
C GLY A 93 12.38 -2.15 4.57
N PRO A 94 12.73 -1.22 3.68
CA PRO A 94 12.00 -1.14 2.41
C PRO A 94 12.30 -2.33 1.51
N SER A 95 11.34 -2.66 0.66
CA SER A 95 11.62 -3.68 -0.32
C SER A 95 12.54 -3.17 -1.42
N LEU A 96 13.09 -4.12 -2.18
CA LEU A 96 13.93 -3.68 -3.29
C LEU A 96 13.11 -2.94 -4.36
N GLU A 97 11.83 -3.30 -4.50
CA GLU A 97 10.97 -2.52 -5.37
C GLU A 97 10.79 -1.10 -4.85
N ASP A 98 10.60 -0.97 -3.52
CA ASP A 98 10.49 0.37 -2.91
C ASP A 98 11.74 1.19 -3.20
N LEU A 99 12.92 0.56 -3.00
CA LEU A 99 14.18 1.27 -3.20
C LEU A 99 14.41 1.56 -4.68
N PHE A 100 14.02 0.64 -5.58
CA PHE A 100 14.15 0.89 -7.00
C PHE A 100 13.37 2.14 -7.41
N ASN A 101 12.12 2.25 -6.92
CA ASN A 101 11.32 3.44 -7.17
C ASN A 101 11.93 4.66 -6.50
N PHE A 102 12.40 4.51 -5.27
CA PHE A 102 13.07 5.63 -4.62
C PHE A 102 14.22 6.13 -5.47
N CYS A 103 14.98 5.23 -6.07
CA CYS A 103 16.10 5.56 -6.92
C CYS A 103 15.70 5.89 -8.36
N SER A 104 14.46 6.33 -8.59
CA SER A 104 13.97 6.66 -9.93
C SER A 104 14.14 5.51 -10.92
N ARG A 105 13.99 4.28 -10.45
CA ARG A 105 13.94 3.10 -11.31
C ARG A 105 15.21 3.00 -12.15
N LYS A 106 16.34 3.38 -11.52
CA LYS A 106 17.68 3.15 -12.04
C LYS A 106 18.53 2.59 -10.90
N PHE A 107 19.18 1.44 -11.14
CA PHE A 107 20.20 0.92 -10.24
C PHE A 107 21.52 0.81 -11.00
N SER A 108 22.63 1.25 -10.38
CA SER A 108 23.95 1.03 -10.94
C SER A 108 24.31 -0.45 -11.01
N LEU A 109 25.23 -0.76 -11.92
CA LEU A 109 25.72 -2.13 -12.02
C LEU A 109 26.26 -2.62 -10.68
N LYS A 110 26.93 -1.75 -9.94
CA LYS A 110 27.47 -2.19 -8.66
C LYS A 110 26.37 -2.63 -7.71
N THR A 111 25.31 -1.84 -7.59
CA THR A 111 24.21 -2.21 -6.73
C THR A 111 23.55 -3.52 -7.21
N VAL A 112 23.38 -3.67 -8.53
CA VAL A 112 22.78 -4.91 -9.03
C VAL A 112 23.61 -6.11 -8.61
N LEU A 113 24.93 -6.00 -8.71
CA LEU A 113 25.78 -7.15 -8.41
C LEU A 113 25.86 -7.39 -6.90
N LEU A 114 25.90 -6.33 -6.09
CA LEU A 114 25.88 -6.51 -4.65
C LEU A 114 24.64 -7.29 -4.23
N LEU A 115 23.50 -6.90 -4.81
CA LEU A 115 22.22 -7.55 -4.54
C LEU A 115 22.20 -8.97 -5.06
N ALA A 116 22.70 -9.19 -6.29
CA ALA A 116 22.67 -10.52 -6.90
C ALA A 116 23.37 -11.53 -6.03
N ASP A 117 24.52 -11.16 -5.45
CA ASP A 117 25.25 -12.13 -4.67
C ASP A 117 24.40 -12.62 -3.49
N GLN A 118 23.79 -11.69 -2.79
CA GLN A 118 23.01 -12.09 -1.62
C GLN A 118 21.73 -12.81 -2.02
N MET A 119 21.10 -12.39 -3.11
CA MET A 119 19.83 -13.01 -3.51
C MET A 119 20.06 -14.43 -3.97
N ILE A 120 21.19 -14.72 -4.65
CA ILE A 120 21.49 -16.10 -4.97
C ILE A 120 21.64 -16.93 -3.71
N SER A 121 22.33 -16.38 -2.73
CA SER A 121 22.57 -17.09 -1.47
C SER A 121 21.26 -17.31 -0.70
N ARG A 122 20.34 -16.31 -0.72
CA ARG A 122 19.06 -16.48 -0.02
C ARG A 122 18.28 -17.64 -0.62
N ILE A 123 18.22 -17.69 -1.96
CA ILE A 123 17.51 -18.74 -2.66
C ILE A 123 18.16 -20.08 -2.36
N GLU A 124 19.50 -20.14 -2.37
CA GLU A 124 20.20 -21.39 -2.05
C GLU A 124 19.86 -21.90 -0.65
N TYR A 125 19.79 -20.98 0.32
CA TYR A 125 19.44 -21.37 1.67
C TYR A 125 18.06 -22.00 1.72
N ILE A 126 17.07 -21.35 1.08
CA ILE A 126 15.72 -21.94 1.06
C ILE A 126 15.78 -23.36 0.46
N HIS A 127 16.45 -23.51 -0.66
CA HIS A 127 16.60 -24.82 -1.29
C HIS A 127 17.28 -25.83 -0.36
N SER A 128 18.24 -25.36 0.45
CA SER A 128 18.94 -26.26 1.36
C SER A 128 18.02 -26.81 2.44
N LYS A 129 16.93 -26.10 2.74
CA LYS A 129 15.89 -26.51 3.66
C LYS A 129 14.75 -27.29 2.98
N ASN A 130 14.95 -27.69 1.72
CA ASN A 130 14.06 -28.58 0.95
C ASN A 130 12.85 -27.88 0.37
N PHE A 131 12.85 -26.55 0.30
CA PHE A 131 11.72 -25.80 -0.23
C PHE A 131 12.14 -25.01 -1.45
N ILE A 132 11.19 -24.79 -2.34
CA ILE A 132 11.29 -23.76 -3.38
C ILE A 132 10.33 -22.64 -3.03
N HIS A 133 10.68 -21.43 -3.46
CA HIS A 133 9.97 -20.21 -3.05
C HIS A 133 8.78 -19.93 -3.95
N ARG A 134 9.01 -19.95 -5.25
CA ARG A 134 8.03 -19.87 -6.32
C ARG A 134 7.44 -18.48 -6.52
N ASP A 135 7.93 -17.45 -5.82
CA ASP A 135 7.43 -16.10 -6.04
C ASP A 135 8.59 -15.09 -5.90
N VAL A 136 9.66 -15.35 -6.62
CA VAL A 136 10.83 -14.48 -6.57
C VAL A 136 10.52 -13.22 -7.36
N LYS A 137 10.62 -12.08 -6.69
CA LYS A 137 10.29 -10.78 -7.28
C LYS A 137 10.81 -9.71 -6.36
N PRO A 138 10.99 -8.48 -6.88
CA PRO A 138 11.64 -7.45 -6.07
C PRO A 138 10.87 -7.09 -4.82
N ASP A 139 9.55 -7.22 -4.84
CA ASP A 139 8.76 -6.89 -3.66
C ASP A 139 9.04 -7.83 -2.50
N ASN A 140 9.59 -9.01 -2.78
CA ASN A 140 9.76 -10.07 -1.78
C ASN A 140 11.18 -10.15 -1.27
N PHE A 141 11.97 -9.11 -1.52
CA PHE A 141 13.25 -8.93 -0.86
C PHE A 141 13.25 -7.58 -0.18
N LEU A 142 13.57 -7.55 1.11
CA LEU A 142 13.58 -6.34 1.92
C LEU A 142 14.96 -6.19 2.56
N MET A 143 15.45 -4.97 2.63
CA MET A 143 16.66 -4.73 3.41
C MET A 143 16.33 -4.75 4.90
N GLY A 144 17.34 -5.11 5.69
CA GLY A 144 17.21 -5.10 7.14
C GLY A 144 17.15 -3.68 7.67
N LEU A 145 16.93 -3.60 8.98
CA LEU A 145 16.76 -2.33 9.66
C LEU A 145 18.08 -1.85 10.23
N GLY A 146 18.32 -0.55 10.16
CA GLY A 146 19.45 0.06 10.81
C GLY A 146 20.75 -0.64 10.47
N LYS A 147 21.40 -1.21 11.49
CA LYS A 147 22.67 -1.88 11.31
C LYS A 147 22.57 -2.99 10.27
N LYS A 148 21.41 -3.65 10.21
CA LYS A 148 21.20 -4.74 9.28
C LYS A 148 20.76 -4.26 7.91
N GLY A 149 20.88 -2.95 7.67
CA GLY A 149 20.53 -2.32 6.42
C GLY A 149 21.38 -2.77 5.24
N ASN A 150 22.47 -3.49 5.51
CA ASN A 150 23.34 -4.04 4.49
C ASN A 150 22.90 -5.43 4.03
N LEU A 151 21.91 -6.00 4.70
CA LEU A 151 21.53 -7.40 4.52
C LEU A 151 20.21 -7.50 3.78
N VAL A 152 20.20 -8.27 2.70
CA VAL A 152 18.98 -8.58 1.97
C VAL A 152 18.26 -9.75 2.63
N TYR A 153 16.98 -9.55 2.97
CA TYR A 153 16.10 -10.59 3.48
C TYR A 153 15.15 -11.05 2.39
N ILE A 154 14.68 -12.29 2.50
CA ILE A 154 13.62 -12.79 1.63
C ILE A 154 12.36 -13.04 2.45
N ILE A 155 11.21 -12.66 1.88
CA ILE A 155 9.91 -12.81 2.55
C ILE A 155 8.95 -13.53 1.61
N ASP A 156 7.74 -13.77 2.12
CA ASP A 156 6.56 -14.24 1.40
C ASP A 156 6.70 -15.69 0.99
N PHE A 157 6.41 -16.59 1.93
CA PHE A 157 6.46 -18.01 1.68
C PHE A 157 5.08 -18.60 1.42
N GLY A 158 4.12 -17.78 0.99
CA GLY A 158 2.77 -18.25 0.76
C GLY A 158 2.62 -19.17 -0.43
N LEU A 159 3.57 -19.15 -1.35
CA LEU A 159 3.57 -20.10 -2.45
C LEU A 159 4.68 -21.10 -2.32
N ALA A 160 5.44 -21.06 -1.22
CA ALA A 160 6.56 -21.99 -1.10
C ALA A 160 6.06 -23.41 -0.89
N LYS A 161 6.91 -24.37 -1.25
CA LYS A 161 6.58 -25.77 -1.06
C LYS A 161 7.82 -26.63 -1.10
N LYS A 162 7.68 -27.81 -0.48
CA LYS A 162 8.76 -28.78 -0.48
C LYS A 162 8.98 -29.29 -1.90
N TYR A 163 10.25 -29.39 -2.30
CA TYR A 163 10.56 -30.00 -3.59
C TYR A 163 11.26 -31.33 -3.42
N ARG A 164 11.65 -31.71 -2.21
CA ARG A 164 12.25 -33.02 -1.99
C ARG A 164 11.99 -33.46 -0.56
N ASP A 165 12.01 -34.79 -0.37
CA ASP A 165 11.86 -35.37 0.96
C ASP A 165 13.07 -35.03 1.81
N ALA A 166 12.82 -34.61 3.06
CA ALA A 166 13.92 -34.17 3.91
C ALA A 166 14.91 -35.29 4.18
N ARG A 167 14.43 -36.53 4.29
CA ARG A 167 15.32 -37.62 4.65
C ARG A 167 15.94 -38.30 3.44
N THR A 168 15.16 -38.57 2.39
CA THR A 168 15.67 -39.33 1.26
C THR A 168 16.13 -38.44 0.12
N HIS A 169 15.73 -37.17 0.14
CA HIS A 169 15.98 -36.23 -0.95
C HIS A 169 15.36 -36.70 -2.26
N GLN A 170 14.34 -37.54 -2.21
CA GLN A 170 13.56 -37.82 -3.42
C GLN A 170 12.84 -36.56 -3.89
N HIS A 171 13.13 -36.17 -5.14
CA HIS A 171 12.56 -34.96 -5.74
C HIS A 171 11.09 -35.20 -6.07
N ILE A 172 10.29 -34.14 -5.97
CA ILE A 172 8.87 -34.23 -6.33
C ILE A 172 8.77 -34.63 -7.80
N PRO A 173 7.70 -35.27 -8.23
CA PRO A 173 7.66 -35.71 -9.62
C PRO A 173 7.40 -34.55 -10.58
N TYR A 174 7.90 -34.75 -11.79
CA TYR A 174 7.60 -33.86 -12.91
C TYR A 174 6.13 -33.97 -13.31
N ARG A 175 5.57 -32.84 -13.74
CA ARG A 175 4.25 -32.85 -14.34
C ARG A 175 4.14 -31.59 -15.19
N GLU A 176 3.18 -31.62 -16.11
CA GLU A 176 2.82 -30.54 -17.02
C GLU A 176 1.36 -30.17 -16.73
N ASN A 177 0.80 -29.33 -17.59
CA ASN A 177 -0.61 -28.94 -17.52
C ASN A 177 -0.96 -28.19 -16.24
N LYS A 178 0.00 -27.49 -15.63
CA LYS A 178 -0.28 -26.68 -14.45
C LYS A 178 -0.72 -25.28 -14.86
N ASN A 179 -1.55 -24.67 -14.01
CA ASN A 179 -1.88 -23.26 -14.17
C ASN A 179 -0.72 -22.42 -13.63
N LEU A 180 -0.66 -21.15 -14.08
CA LEU A 180 0.45 -20.28 -13.71
C LEU A 180 0.44 -20.05 -12.21
N THR A 181 1.60 -20.25 -11.59
CA THR A 181 1.79 -20.03 -10.17
C THR A 181 2.92 -19.02 -10.04
N GLY A 182 2.73 -17.99 -9.21
CA GLY A 182 3.76 -16.98 -9.01
C GLY A 182 3.27 -15.65 -9.52
N THR A 183 4.13 -14.89 -10.17
CA THR A 183 3.72 -13.65 -10.81
C THR A 183 4.06 -13.76 -12.29
N ALA A 184 3.16 -13.27 -13.13
CA ALA A 184 3.37 -13.38 -14.56
C ALA A 184 4.65 -12.68 -15.00
N ARG A 185 4.96 -11.51 -14.43
CA ARG A 185 6.09 -10.74 -14.93
C ARG A 185 7.42 -11.50 -14.73
N TYR A 186 7.59 -12.19 -13.61
CA TYR A 186 8.87 -12.80 -13.28
C TYR A 186 8.90 -14.31 -13.45
N ALA A 187 7.77 -14.94 -13.85
CA ALA A 187 7.74 -16.39 -13.90
C ALA A 187 8.70 -16.92 -14.95
N SER A 188 9.16 -18.13 -14.71
CA SER A 188 10.02 -18.78 -15.66
C SER A 188 9.24 -19.18 -16.92
N ILE A 189 10.00 -19.41 -17.99
CA ILE A 189 9.42 -19.88 -19.24
C ILE A 189 8.74 -21.22 -19.00
N ASN A 190 9.40 -22.12 -18.28
CA ASN A 190 8.76 -23.42 -18.04
C ASN A 190 7.46 -23.30 -17.23
N THR A 191 7.35 -22.29 -16.34
CA THR A 191 6.09 -22.08 -15.62
C THR A 191 4.97 -21.66 -16.58
N HIS A 192 5.28 -20.78 -17.52
CA HIS A 192 4.30 -20.46 -18.54
C HIS A 192 3.91 -21.68 -19.38
N LEU A 193 4.81 -22.65 -19.55
CA LEU A 193 4.49 -23.85 -20.30
C LEU A 193 3.71 -24.87 -19.48
N GLY A 194 3.38 -24.52 -18.22
CA GLY A 194 2.59 -25.39 -17.39
C GLY A 194 3.38 -26.44 -16.65
N ILE A 195 4.69 -26.31 -16.58
CA ILE A 195 5.54 -27.33 -15.97
C ILE A 195 5.66 -27.07 -14.49
N GLU A 196 5.65 -28.15 -13.71
CA GLU A 196 5.93 -28.07 -12.28
C GLU A 196 7.21 -27.29 -11.99
N GLN A 197 7.13 -26.42 -11.00
CA GLN A 197 8.26 -25.63 -10.57
C GLN A 197 9.27 -26.49 -9.81
N SER A 198 10.54 -26.10 -9.91
CA SER A 198 11.61 -26.69 -9.14
C SER A 198 12.67 -25.65 -8.86
N ARG A 199 13.83 -26.11 -8.44
CA ARG A 199 14.86 -25.18 -7.98
C ARG A 199 15.26 -24.19 -9.07
N ARG A 200 15.39 -24.68 -10.31
CA ARG A 200 15.83 -23.85 -11.43
C ARG A 200 14.93 -22.65 -11.63
N ASP A 201 13.63 -22.79 -11.40
CA ASP A 201 12.70 -21.68 -11.69
C ASP A 201 12.90 -20.50 -10.73
N ASP A 202 13.17 -20.74 -9.46
CA ASP A 202 13.48 -19.63 -8.56
C ASP A 202 14.64 -18.81 -9.09
N LEU A 203 15.68 -19.49 -9.60
CA LEU A 203 16.87 -18.77 -10.06
C LEU A 203 16.62 -18.07 -11.39
N GLU A 204 15.83 -18.67 -12.28
CA GLU A 204 15.51 -18.01 -13.54
C GLU A 204 14.76 -16.73 -13.28
N SER A 205 13.76 -16.79 -12.39
CA SER A 205 13.03 -15.58 -11.99
C SER A 205 13.99 -14.53 -11.48
N LEU A 206 14.94 -14.94 -10.64
CA LEU A 206 15.91 -13.97 -10.17
C LEU A 206 16.64 -13.32 -11.35
N GLY A 207 16.96 -14.11 -12.38
CA GLY A 207 17.61 -13.55 -13.55
C GLY A 207 16.78 -12.47 -14.20
N TYR A 208 15.45 -12.66 -14.27
CA TYR A 208 14.57 -11.60 -14.79
C TYR A 208 14.51 -10.38 -13.85
N VAL A 209 14.52 -10.60 -12.51
CA VAL A 209 14.61 -9.51 -11.54
C VAL A 209 15.87 -8.68 -11.78
N LEU A 210 17.00 -9.34 -12.03
CA LEU A 210 18.26 -8.59 -12.21
C LEU A 210 18.24 -7.78 -13.49
N MET A 211 17.72 -8.35 -14.58
CA MET A 211 17.62 -7.58 -15.82
C MET A 211 16.58 -6.47 -15.69
N TYR A 212 15.50 -6.70 -14.93
CA TYR A 212 14.55 -5.62 -14.61
C TYR A 212 15.24 -4.45 -13.93
N PHE A 213 16.10 -4.75 -12.95
CA PHE A 213 16.87 -3.69 -12.28
C PHE A 213 17.76 -2.95 -13.27
N ASN A 214 18.37 -3.66 -14.23
CA ASN A 214 19.24 -3.01 -15.20
C ASN A 214 18.46 -2.14 -16.18
N LEU A 215 17.26 -2.57 -16.56
CA LEU A 215 16.53 -1.91 -17.63
C LEU A 215 15.54 -0.89 -17.16
N GLY A 216 15.01 -1.06 -15.95
CA GLY A 216 13.90 -0.27 -15.47
C GLY A 216 12.55 -0.86 -15.72
N SER A 217 12.45 -1.81 -16.66
CA SER A 217 11.21 -2.48 -17.03
C SER A 217 11.64 -3.72 -17.79
N LEU A 218 10.74 -4.66 -17.91
CA LEU A 218 10.98 -5.82 -18.75
C LEU A 218 10.14 -5.70 -20.01
N PRO A 219 10.56 -6.31 -21.14
CA PRO A 219 9.86 -6.07 -22.41
C PRO A 219 8.44 -6.63 -22.47
N TRP A 220 8.10 -7.55 -21.59
CA TRP A 220 6.74 -8.08 -21.52
C TRP A 220 5.91 -7.39 -20.47
N GLN A 221 6.42 -6.31 -19.91
CA GLN A 221 5.71 -5.53 -18.90
C GLN A 221 4.90 -4.44 -19.57
N GLY A 222 3.71 -4.20 -19.04
CA GLY A 222 2.84 -3.15 -19.55
C GLY A 222 2.23 -3.45 -20.91
N LEU A 223 1.83 -4.69 -21.15
CA LEU A 223 1.20 -5.05 -22.41
C LEU A 223 -0.32 -4.84 -22.32
N LYS A 224 -0.89 -4.34 -23.41
CA LYS A 224 -2.32 -4.10 -23.51
C LYS A 224 -3.05 -5.40 -23.79
N ALA A 225 -3.98 -5.78 -22.92
CA ALA A 225 -4.75 -7.01 -23.10
C ALA A 225 -6.20 -6.73 -22.76
N ALA A 226 -6.97 -7.80 -22.55
CA ALA A 226 -8.38 -7.69 -22.14
C ALA A 226 -8.66 -8.60 -20.96
N THR A 227 -8.98 -9.88 -21.15
CA THR A 227 -9.12 -10.81 -19.98
C THR A 227 -7.77 -10.87 -19.25
N LYS A 228 -7.71 -11.37 -18.01
CA LYS A 228 -6.43 -11.59 -17.28
C LYS A 228 -5.91 -12.94 -17.77
N ARG A 229 -6.81 -13.71 -18.37
CA ARG A 229 -6.44 -15.02 -18.95
C ARG A 229 -5.71 -14.72 -20.25
N GLN A 230 -6.13 -13.70 -21.02
CA GLN A 230 -5.38 -13.28 -22.20
C GLN A 230 -4.23 -12.34 -21.88
N LYS A 231 -4.27 -11.67 -20.72
CA LYS A 231 -3.08 -10.99 -20.22
C LYS A 231 -1.90 -11.95 -20.18
N TYR A 232 -2.09 -13.09 -19.52
CA TYR A 232 -1.01 -14.05 -19.41
C TYR A 232 -0.55 -14.53 -20.78
N GLU A 233 -1.46 -14.63 -21.74
CA GLU A 233 -1.06 -15.08 -23.08
C GLU A 233 -0.09 -14.11 -23.72
N ARG A 234 -0.41 -12.82 -23.71
CA ARG A 234 0.48 -11.83 -24.30
C ARG A 234 1.84 -11.80 -23.59
N ILE A 235 1.84 -11.97 -22.26
CA ILE A 235 3.10 -11.96 -21.53
C ILE A 235 3.92 -13.19 -21.88
N SER A 236 3.28 -14.35 -21.88
CA SER A 236 3.97 -15.59 -22.19
C SER A 236 4.58 -15.52 -23.60
N GLU A 237 3.82 -14.98 -24.55
CA GLU A 237 4.27 -14.90 -25.94
C GLU A 237 5.48 -13.99 -26.07
N LYS A 238 5.42 -12.81 -25.45
CA LYS A 238 6.55 -11.88 -25.53
C LYS A 238 7.77 -12.45 -24.82
N LYS A 239 7.58 -13.07 -23.66
CA LYS A 239 8.71 -13.63 -22.95
C LYS A 239 9.40 -14.71 -23.77
N MET A 240 8.59 -15.55 -24.45
CA MET A 240 9.15 -16.61 -25.29
C MET A 240 9.73 -16.05 -26.60
N SER A 241 9.17 -14.98 -27.14
CA SER A 241 9.67 -14.45 -28.41
C SER A 241 10.89 -13.55 -28.25
N THR A 242 11.31 -13.24 -27.02
CA THR A 242 12.43 -12.36 -26.78
C THR A 242 13.64 -13.22 -26.43
N PRO A 243 14.61 -13.41 -27.32
CA PRO A 243 15.79 -14.19 -26.94
C PRO A 243 16.50 -13.55 -25.76
N ILE A 244 17.16 -14.39 -24.94
CA ILE A 244 17.91 -13.91 -23.79
C ILE A 244 18.96 -12.92 -24.23
N GLU A 245 19.58 -13.15 -25.39
CA GLU A 245 20.58 -12.24 -25.89
C GLU A 245 19.99 -10.88 -26.26
N VAL A 246 18.75 -10.84 -26.74
CA VAL A 246 18.09 -9.57 -27.01
C VAL A 246 17.68 -8.89 -25.72
N LEU A 247 17.13 -9.67 -24.77
CA LEU A 247 16.74 -9.12 -23.49
C LEU A 247 17.90 -8.40 -22.83
N CYS A 248 19.11 -8.99 -22.92
CA CYS A 248 20.28 -8.54 -22.15
C CYS A 248 21.17 -7.61 -22.98
N LYS A 249 20.72 -7.23 -24.16
CA LYS A 249 21.52 -6.33 -24.99
C LYS A 249 21.82 -5.03 -24.26
N GLY A 250 23.08 -4.64 -24.30
CA GLY A 250 23.54 -3.39 -23.69
C GLY A 250 24.11 -3.58 -22.31
N TYR A 251 24.12 -4.81 -21.82
CA TYR A 251 24.58 -5.20 -20.50
C TYR A 251 25.57 -6.33 -20.58
N PRO A 252 26.40 -6.49 -19.55
CA PRO A 252 27.45 -7.50 -19.57
C PRO A 252 26.92 -8.89 -19.84
N SER A 253 27.71 -9.67 -20.60
CA SER A 253 27.26 -10.99 -21.01
C SER A 253 26.90 -11.90 -19.85
N GLU A 254 27.45 -11.66 -18.67
CA GLU A 254 27.14 -12.49 -17.51
C GLU A 254 25.62 -12.59 -17.27
N PHE A 255 24.86 -11.55 -17.55
CA PHE A 255 23.42 -11.66 -17.25
C PHE A 255 22.75 -12.68 -18.16
N ALA A 256 23.14 -12.72 -19.46
CA ALA A 256 22.66 -13.74 -20.38
C ALA A 256 23.23 -15.12 -20.03
N THR A 257 24.51 -15.17 -19.66
CA THR A 257 25.07 -16.46 -19.24
C THR A 257 24.29 -17.02 -18.06
N TYR A 258 23.98 -16.18 -17.08
CA TYR A 258 23.20 -16.59 -15.92
C TYR A 258 21.87 -17.18 -16.35
N LEU A 259 21.13 -16.45 -17.19
CA LEU A 259 19.80 -16.89 -17.59
C LEU A 259 19.87 -18.15 -18.43
N ASN A 260 20.84 -18.24 -19.34
CA ASN A 260 20.95 -19.46 -20.14
C ASN A 260 21.28 -20.65 -19.26
N PHE A 261 22.11 -20.45 -18.25
CA PHE A 261 22.43 -21.54 -17.34
C PHE A 261 21.18 -22.06 -16.65
N CYS A 262 20.35 -21.14 -16.15
CA CYS A 262 19.14 -21.52 -15.43
C CYS A 262 18.17 -22.22 -16.34
N ARG A 263 18.04 -21.73 -17.59
CA ARG A 263 17.11 -22.38 -18.51
C ARG A 263 17.59 -23.78 -18.91
N SER A 264 18.89 -24.04 -18.86
CA SER A 264 19.45 -25.33 -19.24
C SER A 264 19.44 -26.37 -18.13
N LEU A 265 19.12 -25.99 -16.90
CA LEU A 265 19.02 -26.95 -15.81
C LEU A 265 17.88 -27.90 -16.08
N ARG A 266 18.06 -29.18 -15.76
CA ARG A 266 16.95 -30.12 -15.83
C ARG A 266 16.07 -29.96 -14.59
N PHE A 267 14.86 -30.48 -14.73
CA PHE A 267 13.85 -30.34 -13.70
C PHE A 267 14.38 -30.65 -12.31
N ASP A 268 15.09 -31.75 -12.11
CA ASP A 268 15.47 -32.13 -10.73
C ASP A 268 16.95 -31.84 -10.44
N ASP A 269 17.61 -31.12 -11.34
CA ASP A 269 19.07 -30.83 -11.21
C ASP A 269 19.37 -29.84 -10.11
N LYS A 270 20.39 -30.10 -9.30
CA LYS A 270 20.88 -29.13 -8.29
C LYS A 270 21.60 -28.01 -9.02
N PRO A 271 21.15 -26.76 -8.87
CA PRO A 271 21.87 -25.64 -9.48
C PRO A 271 23.25 -25.49 -8.88
N ASP A 272 24.19 -24.98 -9.67
CA ASP A 272 25.57 -24.68 -9.20
C ASP A 272 25.52 -23.26 -8.63
N TYR A 273 25.07 -23.09 -7.39
CA TYR A 273 24.90 -21.75 -6.76
C TYR A 273 26.24 -21.03 -6.72
N SER A 274 27.36 -21.75 -6.65
CA SER A 274 28.68 -21.16 -6.58
C SER A 274 29.12 -20.60 -7.92
N TYR A 275 28.85 -21.35 -8.99
CA TYR A 275 29.16 -20.90 -10.35
C TYR A 275 28.43 -19.60 -10.64
N LEU A 276 27.14 -19.56 -10.32
CA LEU A 276 26.35 -18.37 -10.58
C LEU A 276 26.85 -17.16 -9.78
N ARG A 277 27.19 -17.34 -8.51
CA ARG A 277 27.76 -16.22 -7.75
C ARG A 277 29.08 -15.76 -8.35
N GLN A 278 29.92 -16.72 -8.81
CA GLN A 278 31.25 -16.33 -9.29
C GLN A 278 31.16 -15.60 -10.64
N LEU A 279 30.16 -15.92 -11.45
CA LEU A 279 29.94 -15.15 -12.68
C LEU A 279 29.91 -13.67 -12.36
N PHE A 280 29.03 -13.28 -11.45
CA PHE A 280 28.81 -11.84 -11.12
C PHE A 280 29.86 -11.34 -10.12
N ARG A 281 30.62 -12.24 -9.49
CA ARG A 281 31.73 -11.83 -8.59
C ARG A 281 32.92 -11.49 -9.47
N ASN A 282 33.15 -12.26 -10.54
CA ASN A 282 34.27 -12.01 -11.48
C ASN A 282 34.00 -10.69 -12.17
N LEU A 283 32.76 -10.41 -12.56
CA LEU A 283 32.38 -9.14 -13.19
C LEU A 283 32.58 -7.98 -12.23
N PHE A 284 32.17 -8.15 -10.98
CA PHE A 284 32.37 -7.13 -9.98
C PHE A 284 33.83 -6.70 -9.90
N HIS A 285 34.75 -7.69 -9.91
CA HIS A 285 36.17 -7.32 -9.84
C HIS A 285 36.63 -6.62 -11.11
N ARG A 286 36.17 -7.10 -12.27
CA ARG A 286 36.55 -6.50 -13.55
C ARG A 286 36.14 -5.05 -13.61
N GLN A 287 35.04 -4.74 -12.94
CA GLN A 287 34.53 -3.38 -12.92
C GLN A 287 35.32 -2.48 -11.99
N GLY A 288 36.13 -3.06 -11.10
CA GLY A 288 36.86 -2.31 -10.11
C GLY A 288 36.07 -1.93 -8.89
N PHE A 289 34.92 -2.54 -8.66
CA PHE A 289 34.10 -2.25 -7.49
C PHE A 289 34.74 -2.86 -6.24
N SER A 290 34.46 -2.25 -5.08
CA SER A 290 34.76 -2.84 -3.78
C SER A 290 33.47 -3.18 -3.04
N TYR A 291 33.50 -4.28 -2.28
CA TYR A 291 32.33 -4.71 -1.49
C TYR A 291 32.27 -3.91 -0.19
N ASP A 292 31.88 -2.63 -0.33
CA ASP A 292 31.88 -1.65 0.76
C ASP A 292 30.48 -1.28 1.25
N TYR A 293 29.45 -1.98 0.79
CA TYR A 293 28.09 -1.80 1.27
C TYR A 293 27.56 -0.40 0.96
N VAL A 294 28.06 0.22 -0.09
CA VAL A 294 27.52 1.48 -0.56
C VAL A 294 26.61 1.16 -1.75
N PHE A 295 25.31 1.14 -1.50
CA PHE A 295 24.28 0.98 -2.51
C PHE A 295 23.87 2.35 -3.09
N ASP A 296 23.09 2.31 -4.17
CA ASP A 296 22.70 3.57 -4.81
C ASP A 296 21.96 4.46 -3.82
N TRP A 297 21.15 3.87 -2.95
CA TRP A 297 20.48 4.64 -1.94
C TRP A 297 21.54 4.96 -0.84
N GLU B 9 23.96 4.22 6.74
CA GLU B 9 22.56 4.10 6.35
C GLU B 9 22.05 5.39 5.74
N LEU B 10 20.93 5.29 5.03
CA LEU B 10 20.34 6.44 4.38
C LEU B 10 19.55 7.25 5.40
N ARG B 11 19.82 8.55 5.47
CA ARG B 11 19.18 9.42 6.44
C ARG B 11 18.53 10.57 5.68
N VAL B 12 17.21 10.55 5.61
CA VAL B 12 16.46 11.64 5.03
C VAL B 12 16.45 12.81 6.00
N GLY B 13 16.70 14.00 5.48
CA GLY B 13 16.82 15.16 6.36
C GLY B 13 17.98 15.07 7.33
N ASN B 14 18.97 14.21 7.06
CA ASN B 14 20.02 13.90 8.02
C ASN B 14 19.47 13.33 9.31
N ARG B 15 18.18 13.02 9.38
CA ARG B 15 17.55 12.67 10.67
C ARG B 15 16.63 11.45 10.64
N TYR B 16 16.07 11.08 9.51
CA TYR B 16 15.04 10.03 9.47
C TYR B 16 15.45 8.82 8.65
N ARG B 17 15.38 7.64 9.21
CA ARG B 17 15.66 6.40 8.48
C ARG B 17 14.47 6.13 7.54
N LEU B 18 14.74 5.78 6.30
CA LEU B 18 13.66 5.52 5.31
C LEU B 18 13.22 4.07 5.36
N GLY B 19 11.98 3.81 5.70
CA GLY B 19 11.39 2.49 5.77
C GLY B 19 10.58 2.13 4.56
N ARG B 20 9.71 1.13 4.72
CA ARG B 20 9.00 0.60 3.56
C ARG B 20 7.92 1.57 3.12
N LYS B 21 7.54 1.46 1.86
CA LYS B 21 6.46 2.28 1.34
C LYS B 21 5.14 1.83 1.96
N ILE B 22 4.34 2.79 2.44
CA ILE B 22 3.10 2.45 3.12
C ILE B 22 1.89 3.04 2.44
N GLY B 23 2.06 3.79 1.37
CA GLY B 23 0.92 4.41 0.70
C GLY B 23 1.38 5.15 -0.52
N SER B 24 0.41 5.41 -1.40
CA SER B 24 0.68 6.08 -2.67
C SER B 24 -0.55 6.87 -3.09
N GLY B 25 -0.31 8.07 -3.63
CA GLY B 25 -1.37 8.89 -4.18
C GLY B 25 -0.86 9.66 -5.38
N SER B 26 -1.76 10.42 -5.98
CA SER B 26 -1.41 11.20 -7.16
C SER B 26 -0.35 12.25 -6.87
N PHE B 27 -0.14 12.58 -5.60
CA PHE B 27 0.70 13.70 -5.19
C PHE B 27 1.90 13.26 -4.36
N GLY B 28 2.32 12.01 -4.51
CA GLY B 28 3.55 11.52 -3.89
C GLY B 28 3.32 10.18 -3.18
N ASP B 29 4.47 9.58 -2.85
CA ASP B 29 4.45 8.33 -2.11
C ASP B 29 4.72 8.57 -0.63
N ILE B 30 4.21 7.67 0.18
CA ILE B 30 4.36 7.74 1.63
C ILE B 30 5.19 6.53 2.08
N TYR B 31 6.20 6.79 2.90
CA TYR B 31 7.05 5.77 3.46
C TYR B 31 7.02 5.84 4.97
N LEU B 32 7.18 4.70 5.62
CA LEU B 32 7.52 4.72 7.03
C LEU B 32 8.88 5.37 7.20
N GLY B 33 9.08 6.04 8.32
CA GLY B 33 10.38 6.56 8.68
C GLY B 33 10.61 6.39 10.16
N THR B 34 11.87 6.53 10.56
CA THR B 34 12.23 6.50 11.97
C THR B 34 13.12 7.69 12.26
N ASP B 35 12.67 8.53 13.19
CA ASP B 35 13.52 9.60 13.72
C ASP B 35 14.59 8.93 14.55
N ILE B 36 15.84 8.94 14.07
CA ILE B 36 16.88 8.20 14.77
C ILE B 36 17.18 8.84 16.11
N ALA B 37 16.97 10.16 16.21
CA ALA B 37 17.23 10.86 17.46
C ALA B 37 16.38 10.29 18.59
N ALA B 38 15.11 9.97 18.30
CA ALA B 38 14.19 9.53 19.33
C ALA B 38 13.66 8.12 19.12
N GLY B 39 14.00 7.46 18.01
CA GLY B 39 13.33 6.23 17.64
C GLY B 39 11.87 6.40 17.28
N GLU B 40 11.35 7.62 17.30
CA GLU B 40 9.98 7.88 16.93
C GLU B 40 9.72 7.45 15.49
N GLU B 41 8.72 6.62 15.27
CA GLU B 41 8.29 6.33 13.92
C GLU B 41 7.52 7.53 13.37
N VAL B 42 7.71 7.81 12.07
CA VAL B 42 7.10 8.95 11.40
C VAL B 42 6.63 8.50 10.02
N ALA B 43 5.94 9.40 9.32
CA ALA B 43 5.54 9.16 7.96
C ALA B 43 6.30 10.16 7.09
N ILE B 44 6.88 9.69 5.99
CA ILE B 44 7.69 10.52 5.10
C ILE B 44 6.98 10.59 3.76
N LYS B 45 6.57 11.79 3.38
CA LYS B 45 5.93 12.03 2.08
C LYS B 45 6.97 12.61 1.14
N LEU B 46 7.15 11.98 -0.03
CA LEU B 46 8.11 12.41 -1.03
C LEU B 46 7.39 12.81 -2.31
N GLU B 47 7.78 13.94 -2.88
CA GLU B 47 7.30 14.40 -4.18
C GLU B 47 8.52 14.70 -5.03
N CYS B 48 8.53 14.18 -6.27
CA CYS B 48 9.69 14.38 -7.14
C CYS B 48 9.84 15.86 -7.46
N VAL B 49 11.08 16.33 -7.42
CA VAL B 49 11.38 17.74 -7.73
C VAL B 49 10.95 18.04 -9.16
N LYS B 50 11.18 17.09 -10.06
CA LYS B 50 10.80 17.25 -11.46
C LYS B 50 9.30 17.10 -11.68
N THR B 51 8.44 17.01 -10.67
CA THR B 51 7.01 16.97 -10.94
C THR B 51 6.60 18.30 -11.58
N LYS B 52 5.69 18.23 -12.54
CA LYS B 52 5.29 19.44 -13.27
C LYS B 52 4.20 20.24 -12.54
N HIS B 53 3.56 19.67 -11.52
CA HIS B 53 2.58 20.39 -10.71
C HIS B 53 3.00 20.25 -9.25
N PRO B 54 3.98 21.05 -8.82
CA PRO B 54 4.39 20.98 -7.40
C PRO B 54 3.21 21.22 -6.48
N GLN B 55 3.10 20.38 -5.46
CA GLN B 55 1.98 20.43 -4.52
C GLN B 55 2.40 20.20 -3.08
N LEU B 56 3.49 19.51 -2.82
CA LEU B 56 3.85 19.18 -1.45
C LEU B 56 4.19 20.42 -0.64
N HIS B 57 4.91 21.37 -1.23
CA HIS B 57 5.27 22.55 -0.46
C HIS B 57 4.03 23.31 -0.03
N ILE B 58 3.01 23.36 -0.88
CA ILE B 58 1.78 24.04 -0.50
C ILE B 58 1.02 23.24 0.56
N GLU B 59 0.95 21.92 0.40
CA GLU B 59 0.33 21.10 1.44
C GLU B 59 0.99 21.35 2.80
N SER B 60 2.32 21.50 2.80
CA SER B 60 3.03 21.72 4.06
C SER B 60 2.65 23.05 4.69
N LYS B 61 2.41 24.08 3.87
CA LYS B 61 2.00 25.37 4.40
C LYS B 61 0.61 25.32 5.02
N ILE B 62 -0.28 24.51 4.45
CA ILE B 62 -1.60 24.35 5.02
C ILE B 62 -1.50 23.67 6.36
N TYR B 63 -0.74 22.57 6.44
CA TYR B 63 -0.56 21.88 7.71
C TYR B 63 0.00 22.83 8.76
N LYS B 64 0.95 23.68 8.37
CA LYS B 64 1.57 24.58 9.35
C LYS B 64 0.56 25.56 9.91
N MET B 65 -0.35 26.05 9.07
CA MET B 65 -1.35 26.99 9.56
C MET B 65 -2.28 26.35 10.58
N MET B 66 -2.42 25.03 10.54
CA MET B 66 -3.34 24.30 11.41
C MET B 66 -2.68 23.60 12.58
N GLN B 67 -1.38 23.73 12.77
CA GLN B 67 -0.72 23.00 13.83
C GLN B 67 -1.37 23.34 15.15
N GLY B 68 -1.48 22.31 16.00
CA GLY B 68 -2.17 22.43 17.25
C GLY B 68 -3.65 22.12 17.19
N GLY B 69 -4.26 22.16 16.00
CA GLY B 69 -5.68 21.86 15.88
C GLY B 69 -5.98 20.43 16.25
N VAL B 70 -7.16 20.22 16.85
CA VAL B 70 -7.58 18.88 17.22
C VAL B 70 -7.71 18.00 15.98
N GLY B 71 -7.08 16.84 16.00
CA GLY B 71 -7.22 15.95 14.87
C GLY B 71 -6.46 16.39 13.64
N ILE B 72 -5.46 17.25 13.80
CA ILE B 72 -4.59 17.70 12.71
C ILE B 72 -3.22 17.11 12.94
N PRO B 73 -2.67 16.34 11.99
CA PRO B 73 -1.35 15.77 12.22
C PRO B 73 -0.31 16.86 12.31
N THR B 74 0.72 16.58 13.09
CA THR B 74 1.85 17.48 13.28
C THR B 74 2.91 17.23 12.21
N ILE B 75 3.38 18.30 11.61
CA ILE B 75 4.44 18.27 10.62
C ILE B 75 5.77 18.43 11.34
N ARG B 76 6.72 17.52 11.09
CA ARG B 76 8.01 17.52 11.76
C ARG B 76 9.15 18.14 10.97
N TRP B 77 9.15 18.00 9.65
CA TRP B 77 10.27 18.49 8.86
C TRP B 77 9.79 18.63 7.43
N CYS B 78 10.33 19.63 6.73
CA CYS B 78 10.09 19.91 5.33
C CYS B 78 11.42 20.30 4.71
N GLY B 79 11.76 19.69 3.58
CA GLY B 79 12.99 20.06 2.91
C GLY B 79 13.04 19.38 1.55
N ALA B 80 14.09 19.68 0.80
CA ALA B 80 14.36 19.00 -0.46
C ALA B 80 15.66 18.23 -0.28
N GLU B 81 15.68 16.98 -0.70
CA GLU B 81 16.88 16.15 -0.61
C GLU B 81 16.92 15.24 -1.82
N GLY B 82 18.01 15.34 -2.57
CA GLY B 82 18.16 14.54 -3.76
C GLY B 82 17.11 14.93 -4.78
N ASP B 83 16.41 13.93 -5.30
CA ASP B 83 15.39 14.18 -6.32
C ASP B 83 14.00 14.44 -5.74
N TYR B 84 13.89 14.77 -4.45
CA TYR B 84 12.58 14.88 -3.83
C TYR B 84 12.44 16.11 -2.96
N ASN B 85 11.23 16.68 -2.99
CA ASN B 85 10.72 17.46 -1.88
C ASN B 85 10.16 16.51 -0.82
N VAL B 86 10.44 16.82 0.46
CA VAL B 86 10.14 15.93 1.58
C VAL B 86 9.24 16.63 2.57
N MET B 87 8.28 15.91 3.13
CA MET B 87 7.44 16.39 4.21
C MET B 87 7.32 15.25 5.20
N VAL B 88 7.85 15.41 6.39
CA VAL B 88 7.83 14.34 7.39
C VAL B 88 6.74 14.67 8.39
N MET B 89 5.84 13.73 8.62
CA MET B 89 4.66 13.93 9.44
C MET B 89 4.66 12.95 10.61
N GLU B 90 4.01 13.34 11.70
CA GLU B 90 3.67 12.39 12.75
C GLU B 90 2.97 11.19 12.14
N LEU B 91 3.35 10.00 12.60
CA LEU B 91 2.71 8.77 12.13
C LEU B 91 1.41 8.55 12.91
N LEU B 92 0.34 8.38 12.18
CA LEU B 92 -0.95 8.09 12.78
C LEU B 92 -1.28 6.62 12.59
N GLY B 93 -2.46 6.24 13.07
CA GLY B 93 -2.91 4.88 13.06
C GLY B 93 -3.59 4.50 11.77
N PRO B 94 -4.41 3.46 11.81
CA PRO B 94 -5.06 2.98 10.58
C PRO B 94 -6.08 4.00 10.08
N SER B 95 -6.30 3.98 8.77
CA SER B 95 -7.39 4.82 8.23
C SER B 95 -8.74 4.18 8.51
N LEU B 96 -9.81 4.98 8.32
CA LEU B 96 -11.15 4.45 8.50
C LEU B 96 -11.48 3.41 7.43
N GLU B 97 -10.91 3.53 6.24
CA GLU B 97 -11.02 2.45 5.25
C GLU B 97 -10.31 1.20 5.76
N ASP B 98 -9.11 1.35 6.33
CA ASP B 98 -8.38 0.19 6.89
C ASP B 98 -9.25 -0.51 7.92
N LEU B 99 -9.81 0.28 8.84
CA LEU B 99 -10.57 -0.30 9.94
C LEU B 99 -11.89 -0.88 9.46
N PHE B 100 -12.53 -0.26 8.47
CA PHE B 100 -13.76 -0.80 7.86
C PHE B 100 -13.50 -2.18 7.26
N ASN B 101 -12.40 -2.32 6.53
CA ASN B 101 -12.03 -3.62 6.00
C ASN B 101 -11.71 -4.60 7.12
N PHE B 102 -10.98 -4.13 8.14
CA PHE B 102 -10.68 -4.98 9.26
C PHE B 102 -11.96 -5.52 9.90
N CYS B 103 -12.98 -4.67 10.03
CA CYS B 103 -14.27 -5.07 10.56
C CYS B 103 -15.14 -5.76 9.53
N SER B 104 -14.54 -6.35 8.49
CA SER B 104 -15.29 -7.04 7.44
C SER B 104 -16.36 -6.14 6.83
N ARG B 105 -16.06 -4.84 6.72
CA ARG B 105 -16.90 -3.88 5.98
C ARG B 105 -18.32 -3.83 6.54
N LYS B 106 -18.41 -3.97 7.86
CA LYS B 106 -19.62 -3.70 8.62
C LYS B 106 -19.25 -2.85 9.83
N PHE B 107 -19.91 -1.70 9.98
CA PHE B 107 -19.81 -0.86 11.15
C PHE B 107 -21.19 -0.77 11.82
N SER B 108 -21.22 -0.89 13.13
CA SER B 108 -22.43 -0.64 13.90
C SER B 108 -22.88 0.81 13.73
N LEU B 109 -24.19 0.97 13.98
CA LEU B 109 -24.73 2.33 13.99
C LEU B 109 -24.00 3.19 14.99
N LYS B 110 -23.67 2.63 16.17
CA LYS B 110 -22.98 3.40 17.20
C LYS B 110 -21.65 3.92 16.68
N THR B 111 -20.88 3.05 16.04
CA THR B 111 -19.59 3.48 15.49
C THR B 111 -19.79 4.53 14.39
N VAL B 112 -20.77 4.36 13.51
CA VAL B 112 -20.98 5.36 12.46
C VAL B 112 -21.29 6.72 13.08
N LEU B 113 -22.09 6.74 14.15
CA LEU B 113 -22.48 8.00 14.76
C LEU B 113 -21.32 8.64 15.51
N LEU B 114 -20.51 7.83 16.20
CA LEU B 114 -19.30 8.36 16.84
C LEU B 114 -18.36 8.98 15.81
N LEU B 115 -18.19 8.30 14.68
CA LEU B 115 -17.34 8.81 13.60
C LEU B 115 -17.94 10.08 12.99
N ALA B 116 -19.25 10.10 12.75
CA ALA B 116 -19.87 11.27 12.15
C ALA B 116 -19.63 12.50 13.01
N ASP B 117 -19.72 12.37 14.33
CA ASP B 117 -19.60 13.54 15.19
C ASP B 117 -18.23 14.19 15.01
N GLN B 118 -17.18 13.37 15.07
CA GLN B 118 -15.83 13.90 14.96
C GLN B 118 -15.52 14.36 13.55
N MET B 119 -16.02 13.64 12.54
CA MET B 119 -15.73 14.03 11.16
C MET B 119 -16.39 15.36 10.80
N ILE B 120 -17.62 15.62 11.29
CA ILE B 120 -18.21 16.94 11.05
C ILE B 120 -17.36 18.02 11.70
N SER B 121 -16.90 17.76 12.93
CA SER B 121 -16.08 18.73 13.65
C SER B 121 -14.77 18.98 12.93
N ARG B 122 -14.15 17.94 12.40
CA ARG B 122 -12.87 18.14 11.70
C ARG B 122 -13.05 19.03 10.50
N ILE B 123 -14.11 18.79 9.73
CA ILE B 123 -14.40 19.59 8.54
C ILE B 123 -14.70 21.03 8.94
N GLU B 124 -15.49 21.23 9.99
CA GLU B 124 -15.78 22.57 10.50
C GLU B 124 -14.50 23.30 10.87
N TYR B 125 -13.55 22.62 11.49
CA TYR B 125 -12.28 23.25 11.85
C TYR B 125 -11.56 23.75 10.60
N ILE B 126 -11.46 22.90 9.57
CA ILE B 126 -10.81 23.30 8.32
C ILE B 126 -11.51 24.52 7.74
N HIS B 127 -12.85 24.46 7.68
CA HIS B 127 -13.61 25.59 7.16
C HIS B 127 -13.39 26.86 7.98
N SER B 128 -13.28 26.72 9.29
CA SER B 128 -13.04 27.87 10.15
C SER B 128 -11.65 28.46 9.92
N LYS B 129 -10.73 27.67 9.40
CA LYS B 129 -9.43 28.17 9.02
C LYS B 129 -9.39 28.67 7.58
N ASN B 130 -10.56 28.82 6.97
CA ASN B 130 -10.79 29.47 5.67
C ASN B 130 -10.52 28.57 4.47
N PHE B 131 -10.37 27.25 4.67
CA PHE B 131 -10.09 26.29 3.62
C PHE B 131 -11.24 25.31 3.43
N ILE B 132 -11.38 24.79 2.21
CA ILE B 132 -12.16 23.59 1.97
C ILE B 132 -11.18 22.46 1.63
N HIS B 133 -11.57 21.23 1.96
CA HIS B 133 -10.68 20.08 1.84
C HIS B 133 -10.71 19.47 0.44
N ARG B 134 -11.92 19.24 -0.10
CA ARG B 134 -12.21 18.81 -1.45
C ARG B 134 -11.85 17.35 -1.72
N ASP B 135 -11.42 16.58 -0.72
CA ASP B 135 -11.16 15.16 -0.95
C ASP B 135 -11.56 14.33 0.28
N VAL B 136 -12.79 14.55 0.75
CA VAL B 136 -13.29 13.81 1.89
C VAL B 136 -13.62 12.38 1.48
N LYS B 137 -12.99 11.41 2.15
CA LYS B 137 -13.13 9.98 1.87
C LYS B 137 -12.53 9.22 3.03
N PRO B 138 -12.91 7.96 3.20
CA PRO B 138 -12.46 7.21 4.39
C PRO B 138 -10.98 7.06 4.48
N ASP B 139 -10.26 7.03 3.36
CA ASP B 139 -8.81 6.93 3.38
C ASP B 139 -8.16 8.17 3.99
N ASN B 140 -8.89 9.30 4.09
CA ASN B 140 -8.30 10.55 4.53
C ASN B 140 -8.68 10.89 5.96
N PHE B 141 -9.23 9.92 6.69
CA PHE B 141 -9.36 10.01 8.13
C PHE B 141 -8.60 8.84 8.75
N LEU B 142 -7.72 9.15 9.69
CA LEU B 142 -6.90 8.18 10.38
C LEU B 142 -7.14 8.31 11.88
N MET B 143 -7.15 7.19 12.58
CA MET B 143 -7.18 7.24 14.03
C MET B 143 -5.79 7.55 14.58
N GLY B 144 -5.77 8.21 15.74
CA GLY B 144 -4.54 8.48 16.43
C GLY B 144 -3.97 7.21 17.03
N LEU B 145 -2.79 7.35 17.60
CA LEU B 145 -2.13 6.21 18.23
C LEU B 145 -2.32 6.27 19.74
N GLY B 146 -2.46 5.10 20.35
CA GLY B 146 -2.44 5.02 21.80
C GLY B 146 -3.37 5.96 22.53
N LYS B 147 -2.80 6.90 23.28
CA LYS B 147 -3.60 7.85 24.05
C LYS B 147 -4.63 8.54 23.16
N LYS B 148 -4.25 8.85 21.92
CA LYS B 148 -5.13 9.50 20.95
C LYS B 148 -5.87 8.50 20.06
N GLY B 149 -5.91 7.22 20.44
CA GLY B 149 -6.54 6.21 19.63
C GLY B 149 -8.03 6.39 19.45
N ASN B 150 -8.66 7.22 20.28
CA ASN B 150 -10.08 7.52 20.16
C ASN B 150 -10.32 8.74 19.30
N LEU B 151 -9.27 9.39 18.78
CA LEU B 151 -9.42 10.65 18.06
C LEU B 151 -9.27 10.43 16.56
N VAL B 152 -10.24 10.95 15.78
CA VAL B 152 -10.20 10.91 14.32
C VAL B 152 -9.43 12.10 13.80
N TYR B 153 -8.40 11.84 13.01
CA TYR B 153 -7.58 12.84 12.33
C TYR B 153 -7.99 12.94 10.88
N ILE B 154 -7.80 14.12 10.30
CA ILE B 154 -8.00 14.32 8.87
C ILE B 154 -6.65 14.61 8.25
N ILE B 155 -6.42 14.02 7.08
CA ILE B 155 -5.17 14.17 6.35
C ILE B 155 -5.46 14.54 4.90
N ASP B 156 -4.35 14.72 4.15
CA ASP B 156 -4.32 14.86 2.69
C ASP B 156 -4.92 16.19 2.28
N PHE B 157 -4.11 17.24 2.36
CA PHE B 157 -4.58 18.56 1.96
C PHE B 157 -4.07 18.94 0.60
N GLY B 158 -3.72 17.96 -0.22
CA GLY B 158 -3.21 18.25 -1.54
C GLY B 158 -4.21 18.86 -2.49
N LEU B 159 -5.51 18.72 -2.22
CA LEU B 159 -6.51 19.39 -3.02
C LEU B 159 -7.19 20.53 -2.27
N ALA B 160 -6.74 20.82 -1.06
CA ALA B 160 -7.39 21.86 -0.28
C ALA B 160 -7.11 23.23 -0.86
N LYS B 161 -8.00 24.17 -0.58
CA LYS B 161 -7.80 25.53 -1.03
C LYS B 161 -8.63 26.49 -0.23
N LYS B 162 -8.22 27.75 -0.25
CA LYS B 162 -8.96 28.80 0.42
C LYS B 162 -10.29 29.02 -0.26
N TYR B 163 -11.38 29.10 0.54
CA TYR B 163 -12.70 29.47 0.02
C TYR B 163 -13.17 30.84 0.52
N ARG B 164 -12.47 31.46 1.46
CA ARG B 164 -12.86 32.80 1.87
C ARG B 164 -11.62 33.58 2.27
N ASP B 165 -11.69 34.89 2.11
CA ASP B 165 -10.57 35.77 2.43
C ASP B 165 -10.28 35.74 3.92
N ALA B 166 -8.99 35.65 4.26
CA ALA B 166 -8.62 35.56 5.67
C ALA B 166 -9.01 36.83 6.43
N ARG B 167 -8.95 38.00 5.78
CA ARG B 167 -9.21 39.25 6.49
C ARG B 167 -10.67 39.61 6.50
N THR B 168 -11.38 39.44 5.36
CA THR B 168 -12.75 39.90 5.21
C THR B 168 -13.79 38.79 5.23
N HIS B 169 -13.36 37.54 5.10
CA HIS B 169 -14.25 36.39 4.94
C HIS B 169 -15.16 36.50 3.72
N GLN B 170 -14.78 37.32 2.74
CA GLN B 170 -15.48 37.30 1.47
C GLN B 170 -15.25 35.97 0.76
N HIS B 171 -16.35 35.34 0.32
CA HIS B 171 -16.31 34.03 -0.32
C HIS B 171 -15.75 34.11 -1.74
N ILE B 172 -15.07 33.04 -2.15
CA ILE B 172 -14.53 32.94 -3.52
C ILE B 172 -15.69 32.99 -4.49
N PRO B 173 -15.45 33.36 -5.74
CA PRO B 173 -16.57 33.48 -6.68
C PRO B 173 -17.04 32.11 -7.17
N TYR B 174 -18.30 32.11 -7.58
CA TYR B 174 -18.85 30.95 -8.26
C TYR B 174 -18.20 30.76 -9.62
N ARG B 175 -18.10 29.52 -10.04
CA ARG B 175 -17.58 29.19 -11.35
C ARG B 175 -18.24 27.92 -11.82
N GLU B 176 -18.32 27.80 -13.14
CA GLU B 176 -18.88 26.65 -13.81
C GLU B 176 -17.81 25.98 -14.66
N ASN B 177 -18.21 24.87 -15.30
CA ASN B 177 -17.41 24.14 -16.30
C ASN B 177 -16.09 23.64 -15.78
N LYS B 178 -16.02 23.31 -14.50
CA LYS B 178 -14.78 22.78 -13.93
C LYS B 178 -14.63 21.29 -14.20
N ASN B 179 -13.39 20.84 -14.30
CA ASN B 179 -13.13 19.41 -14.36
C ASN B 179 -13.24 18.80 -12.97
N LEU B 180 -13.45 17.49 -12.93
CA LEU B 180 -13.67 16.83 -11.65
C LEU B 180 -12.43 16.97 -10.76
N THR B 181 -12.65 17.41 -9.53
CA THR B 181 -11.63 17.50 -8.50
C THR B 181 -12.10 16.64 -7.35
N GLY B 182 -11.22 15.80 -6.82
CA GLY B 182 -11.56 14.95 -5.71
C GLY B 182 -11.55 13.50 -6.12
N THR B 183 -12.50 12.70 -5.63
CA THR B 183 -12.62 11.32 -6.05
C THR B 183 -14.01 11.11 -6.60
N ALA B 184 -14.10 10.33 -7.67
CA ALA B 184 -15.39 10.12 -8.30
C ALA B 184 -16.40 9.51 -7.33
N ARG B 185 -15.96 8.55 -6.51
CA ARG B 185 -16.92 7.84 -5.68
C ARG B 185 -17.61 8.78 -4.69
N TYR B 186 -16.88 9.74 -4.13
CA TYR B 186 -17.38 10.53 -3.03
C TYR B 186 -17.67 11.98 -3.38
N ALA B 187 -17.39 12.42 -4.61
CA ALA B 187 -17.62 13.81 -4.95
C ALA B 187 -19.10 14.18 -4.88
N SER B 188 -19.34 15.47 -4.62
CA SER B 188 -20.71 15.99 -4.58
C SER B 188 -21.28 16.00 -5.99
N ILE B 189 -22.61 16.05 -6.06
CA ILE B 189 -23.27 16.13 -7.36
C ILE B 189 -22.86 17.40 -8.08
N ASN B 190 -22.87 18.55 -7.37
CA ASN B 190 -22.47 19.78 -8.06
C ASN B 190 -21.04 19.70 -8.56
N THR B 191 -20.16 18.94 -7.89
CA THR B 191 -18.81 18.78 -8.44
C THR B 191 -18.85 18.04 -9.77
N HIS B 192 -19.67 16.99 -9.87
CA HIS B 192 -19.84 16.31 -11.15
C HIS B 192 -20.39 17.26 -12.21
N LEU B 193 -21.20 18.21 -11.79
CA LEU B 193 -21.79 19.15 -12.72
C LEU B 193 -20.86 20.29 -13.13
N GLY B 194 -19.66 20.34 -12.58
CA GLY B 194 -18.68 21.34 -12.94
C GLY B 194 -18.70 22.63 -12.13
N ILE B 195 -19.42 22.63 -11.00
CA ILE B 195 -19.54 23.82 -10.18
C ILE B 195 -18.38 23.89 -9.21
N GLU B 196 -17.88 25.10 -9.02
CA GLU B 196 -16.86 25.39 -8.00
C GLU B 196 -17.26 24.77 -6.67
N GLN B 197 -16.28 24.15 -6.01
CA GLN B 197 -16.51 23.58 -4.68
C GLN B 197 -16.59 24.66 -3.63
N SER B 198 -17.35 24.36 -2.58
CA SER B 198 -17.48 25.22 -1.41
C SER B 198 -17.74 24.35 -0.19
N ARG B 199 -18.11 24.99 0.92
CA ARG B 199 -18.18 24.25 2.17
C ARG B 199 -19.16 23.10 2.07
N ARG B 200 -20.31 23.38 1.41
CA ARG B 200 -21.41 22.40 1.25
C ARG B 200 -20.91 21.09 0.64
N ASP B 201 -19.92 21.12 -0.26
CA ASP B 201 -19.50 19.92 -0.95
C ASP B 201 -18.70 19.00 -0.03
N ASP B 202 -17.86 19.57 0.84
CA ASP B 202 -17.14 18.72 1.80
C ASP B 202 -18.13 17.93 2.65
N LEU B 203 -19.18 18.59 3.10
CA LEU B 203 -20.16 17.92 3.97
C LEU B 203 -21.02 16.92 3.21
N GLU B 204 -21.36 17.20 1.96
CA GLU B 204 -22.10 16.21 1.14
C GLU B 204 -21.27 14.94 0.96
N SER B 205 -19.99 15.09 0.62
CA SER B 205 -19.09 13.95 0.51
C SER B 205 -19.09 13.15 1.80
N LEU B 206 -19.02 13.83 2.95
CA LEU B 206 -19.10 13.12 4.22
C LEU B 206 -20.40 12.32 4.32
N GLY B 207 -21.51 12.88 3.85
CA GLY B 207 -22.77 12.12 3.87
C GLY B 207 -22.67 10.82 3.09
N TYR B 208 -21.99 10.85 1.94
CA TYR B 208 -21.78 9.60 1.20
C TYR B 208 -20.88 8.66 1.96
N VAL B 209 -19.84 9.19 2.66
CA VAL B 209 -18.97 8.35 3.46
C VAL B 209 -19.79 7.64 4.53
N LEU B 210 -20.69 8.37 5.20
CA LEU B 210 -21.47 7.73 6.26
C LEU B 210 -22.38 6.66 5.70
N MET B 211 -23.01 6.90 4.56
CA MET B 211 -23.85 5.86 4.00
C MET B 211 -23.04 4.68 3.49
N TYR B 212 -21.82 4.92 2.98
CA TYR B 212 -20.89 3.84 2.63
C TYR B 212 -20.57 2.97 3.83
N PHE B 213 -20.31 3.58 4.99
CA PHE B 213 -20.09 2.79 6.19
C PHE B 213 -21.33 1.96 6.57
N ASN B 214 -22.54 2.51 6.38
CA ASN B 214 -23.77 1.79 6.72
C ASN B 214 -24.03 0.64 5.76
N LEU B 215 -23.71 0.82 4.49
CA LEU B 215 -24.07 -0.16 3.46
C LEU B 215 -23.00 -1.15 3.10
N GLY B 216 -21.74 -0.78 3.26
CA GLY B 216 -20.62 -1.55 2.77
C GLY B 216 -20.12 -1.15 1.41
N SER B 217 -20.95 -0.44 0.64
CA SER B 217 -20.60 0.02 -0.71
C SER B 217 -21.62 1.09 -1.06
N LEU B 218 -21.31 1.85 -2.09
CA LEU B 218 -22.27 2.81 -2.61
C LEU B 218 -22.82 2.31 -3.95
N PRO B 219 -24.02 2.73 -4.34
CA PRO B 219 -24.64 2.13 -5.54
C PRO B 219 -23.94 2.47 -6.85
N TRP B 220 -23.09 3.51 -6.88
CA TRP B 220 -22.33 3.89 -8.07
C TRP B 220 -20.90 3.35 -8.04
N GLN B 221 -20.60 2.48 -7.07
CA GLN B 221 -19.28 1.87 -6.90
C GLN B 221 -19.27 0.51 -7.60
N GLY B 222 -18.13 0.21 -8.22
CA GLY B 222 -17.97 -1.06 -8.89
C GLY B 222 -18.79 -1.21 -10.14
N LEU B 223 -18.92 -0.16 -10.93
CA LEU B 223 -19.66 -0.20 -12.18
C LEU B 223 -18.76 -0.59 -13.33
N LYS B 224 -19.30 -1.36 -14.27
CA LYS B 224 -18.54 -1.77 -15.45
C LYS B 224 -18.46 -0.62 -16.45
N ALA B 225 -17.24 -0.23 -16.81
CA ALA B 225 -17.01 0.88 -17.73
C ALA B 225 -15.96 0.53 -18.77
N ALA B 226 -14.69 0.47 -18.33
CA ALA B 226 -13.55 0.05 -19.14
C ALA B 226 -12.76 1.21 -19.74
N THR B 227 -13.33 2.43 -19.72
CA THR B 227 -12.67 3.69 -20.17
C THR B 227 -12.88 4.61 -18.98
N LYS B 228 -12.02 5.60 -18.71
CA LYS B 228 -12.11 6.46 -17.48
C LYS B 228 -12.90 7.71 -17.80
N ARG B 229 -12.56 8.37 -18.91
CA ARG B 229 -13.35 9.53 -19.39
C ARG B 229 -14.81 9.15 -19.22
N GLN B 230 -15.13 7.87 -19.38
CA GLN B 230 -16.52 7.42 -19.37
C GLN B 230 -16.85 6.65 -18.09
N LYS B 231 -15.89 6.00 -17.43
CA LYS B 231 -16.15 5.46 -16.11
C LYS B 231 -16.83 6.51 -15.23
N TYR B 232 -16.22 7.68 -15.13
CA TYR B 232 -16.79 8.77 -14.34
C TYR B 232 -18.16 9.18 -14.88
N GLU B 233 -18.39 9.05 -16.19
CA GLU B 233 -19.72 9.34 -16.71
C GLU B 233 -20.76 8.39 -16.10
N ARG B 234 -20.43 7.10 -16.02
CA ARG B 234 -21.35 6.13 -15.42
C ARG B 234 -21.55 6.42 -13.93
N ILE B 235 -20.49 6.80 -13.22
CA ILE B 235 -20.63 7.09 -11.80
C ILE B 235 -21.51 8.30 -11.60
N SER B 236 -21.26 9.37 -12.38
CA SER B 236 -22.04 10.59 -12.21
C SER B 236 -23.52 10.36 -12.48
N GLU B 237 -23.84 9.61 -13.54
CA GLU B 237 -25.24 9.36 -13.88
C GLU B 237 -25.94 8.54 -12.78
N LYS B 238 -25.26 7.50 -12.27
CA LYS B 238 -25.88 6.69 -11.21
C LYS B 238 -26.04 7.51 -9.95
N LYS B 239 -25.02 8.31 -9.59
CA LYS B 239 -25.17 9.12 -8.39
C LYS B 239 -26.32 10.11 -8.56
N MET B 240 -26.47 10.70 -9.75
CA MET B 240 -27.55 11.65 -9.96
C MET B 240 -28.90 10.97 -10.07
N SER B 241 -28.93 9.72 -10.55
CA SER B 241 -30.19 9.00 -10.74
C SER B 241 -30.71 8.34 -9.46
N THR B 242 -29.96 8.36 -8.38
CA THR B 242 -30.35 7.67 -7.16
C THR B 242 -30.89 8.69 -6.16
N PRO B 243 -32.19 8.73 -5.88
CA PRO B 243 -32.68 9.66 -4.86
C PRO B 243 -32.08 9.38 -3.50
N ILE B 244 -31.92 10.44 -2.70
CA ILE B 244 -31.37 10.29 -1.36
C ILE B 244 -32.21 9.30 -0.58
N GLU B 245 -33.53 9.31 -0.79
CA GLU B 245 -34.39 8.40 -0.05
C GLU B 245 -34.19 6.93 -0.44
N VAL B 246 -33.82 6.66 -1.69
CA VAL B 246 -33.48 5.31 -2.11
C VAL B 246 -32.11 4.93 -1.56
N LEU B 247 -31.14 5.84 -1.64
CA LEU B 247 -29.81 5.57 -1.10
C LEU B 247 -29.86 5.18 0.38
N CYS B 248 -30.70 5.87 1.14
CA CYS B 248 -30.74 5.78 2.58
C CYS B 248 -31.81 4.85 3.11
N LYS B 249 -32.49 4.09 2.23
CA LYS B 249 -33.55 3.18 2.63
C LYS B 249 -33.04 2.18 3.65
N GLY B 250 -33.80 2.01 4.75
CA GLY B 250 -33.47 1.05 5.77
C GLY B 250 -32.64 1.58 6.92
N TYR B 251 -32.31 2.86 6.90
CA TYR B 251 -31.46 3.51 7.88
C TYR B 251 -32.22 4.67 8.48
N PRO B 252 -31.83 5.09 9.67
CA PRO B 252 -32.58 6.17 10.35
C PRO B 252 -32.66 7.39 9.44
N SER B 253 -33.80 8.09 9.52
CA SER B 253 -34.06 9.22 8.63
C SER B 253 -32.99 10.28 8.69
N GLU B 254 -32.25 10.37 9.80
CA GLU B 254 -31.21 11.39 9.95
C GLU B 254 -30.21 11.38 8.81
N PHE B 255 -29.87 10.19 8.27
CA PHE B 255 -28.89 10.16 7.20
C PHE B 255 -29.39 10.86 5.94
N ALA B 256 -30.65 10.62 5.57
CA ALA B 256 -31.29 11.37 4.48
C ALA B 256 -31.48 12.83 4.81
N THR B 257 -31.85 13.15 6.05
CA THR B 257 -32.01 14.56 6.43
C THR B 257 -30.70 15.30 6.27
N TYR B 258 -29.61 14.66 6.71
CA TYR B 258 -28.27 15.20 6.56
C TYR B 258 -27.95 15.46 5.09
N LEU B 259 -28.16 14.45 4.23
CA LEU B 259 -27.76 14.60 2.83
C LEU B 259 -28.62 15.62 2.13
N ASN B 260 -29.93 15.64 2.44
CA ASN B 260 -30.79 16.62 1.80
C ASN B 260 -30.40 18.04 2.23
N PHE B 261 -30.05 18.20 3.50
CA PHE B 261 -29.63 19.51 3.98
C PHE B 261 -28.41 19.96 3.21
N CYS B 262 -27.44 19.06 3.03
CA CYS B 262 -26.22 19.45 2.35
C CYS B 262 -26.46 19.82 0.89
N ARG B 263 -27.31 19.07 0.21
CA ARG B 263 -27.60 19.32 -1.20
C ARG B 263 -28.38 20.62 -1.38
N SER B 264 -29.10 21.05 -0.36
CA SER B 264 -29.88 22.27 -0.46
C SER B 264 -29.11 23.53 -0.12
N LEU B 265 -28.01 23.36 0.63
CA LEU B 265 -27.18 24.50 1.10
C LEU B 265 -26.71 25.27 -0.12
N ARG B 266 -26.97 26.58 -0.17
CA ARG B 266 -26.52 27.43 -1.30
C ARG B 266 -25.00 27.39 -1.39
N PHE B 267 -24.44 27.83 -2.51
CA PHE B 267 -22.97 27.84 -2.74
C PHE B 267 -22.26 28.53 -1.57
N ASP B 268 -22.53 29.81 -1.30
CA ASP B 268 -21.73 30.52 -0.33
C ASP B 268 -22.29 30.44 1.09
N ASP B 269 -23.27 29.57 1.32
CA ASP B 269 -23.89 29.40 2.63
C ASP B 269 -22.88 28.85 3.64
N LYS B 270 -22.92 29.39 4.87
CA LYS B 270 -22.21 28.76 5.98
C LYS B 270 -23.06 27.61 6.51
N PRO B 271 -22.57 26.37 6.48
CA PRO B 271 -23.38 25.27 7.00
C PRO B 271 -23.64 25.41 8.48
N ASP B 272 -24.79 24.91 8.91
CA ASP B 272 -25.13 24.83 10.34
C ASP B 272 -24.57 23.51 10.87
N TYR B 273 -23.27 23.57 11.24
CA TYR B 273 -22.55 22.38 11.69
C TYR B 273 -23.18 21.81 12.94
N SER B 274 -23.58 22.70 13.87
CA SER B 274 -24.18 22.27 15.14
C SER B 274 -25.48 21.53 14.90
N TYR B 275 -26.30 22.02 13.97
CA TYR B 275 -27.53 21.32 13.63
C TYR B 275 -27.21 19.91 13.14
N LEU B 276 -26.25 19.80 12.23
CA LEU B 276 -25.92 18.51 11.63
C LEU B 276 -25.37 17.53 12.68
N ARG B 277 -24.49 18.00 13.55
CA ARG B 277 -24.04 17.14 14.65
C ARG B 277 -25.19 16.75 15.56
N GLN B 278 -26.12 17.68 15.81
CA GLN B 278 -27.18 17.38 16.76
C GLN B 278 -28.14 16.36 16.20
N LEU B 279 -28.33 16.33 14.88
CA LEU B 279 -29.15 15.29 14.27
C LEU B 279 -28.68 13.93 14.72
N PHE B 280 -27.37 13.69 14.59
CA PHE B 280 -26.81 12.40 14.93
C PHE B 280 -26.66 12.21 16.43
N ARG B 281 -26.35 13.28 17.19
CA ARG B 281 -26.29 13.15 18.65
C ARG B 281 -27.66 12.75 19.22
N ASN B 282 -28.74 13.37 18.72
CA ASN B 282 -30.09 13.04 19.17
C ASN B 282 -30.42 11.58 18.88
N LEU B 283 -30.04 11.10 17.70
CA LEU B 283 -30.26 9.68 17.35
C LEU B 283 -29.48 8.77 18.29
N PHE B 284 -28.20 9.11 18.50
CA PHE B 284 -27.35 8.34 19.42
C PHE B 284 -28.02 8.21 20.78
N HIS B 285 -28.61 9.30 21.29
CA HIS B 285 -29.25 9.27 22.59
C HIS B 285 -30.47 8.35 22.56
N ARG B 286 -31.29 8.44 21.51
CA ARG B 286 -32.47 7.60 21.42
C ARG B 286 -32.10 6.12 21.28
N GLN B 287 -30.93 5.82 20.71
CA GLN B 287 -30.54 4.43 20.58
C GLN B 287 -30.13 3.82 21.91
N GLY B 288 -29.86 4.64 22.93
CA GLY B 288 -29.50 4.09 24.21
C GLY B 288 -28.07 3.64 24.32
N PHE B 289 -27.23 4.03 23.36
CA PHE B 289 -25.85 3.60 23.39
C PHE B 289 -25.21 4.19 24.65
N SER B 290 -24.31 3.43 25.24
CA SER B 290 -23.50 3.95 26.34
C SER B 290 -22.55 5.03 25.82
N TYR B 291 -22.39 6.08 26.62
CA TYR B 291 -21.48 7.17 26.27
C TYR B 291 -20.06 6.78 26.68
N ASP B 292 -19.57 5.68 26.10
CA ASP B 292 -18.26 5.14 26.45
C ASP B 292 -17.25 5.22 25.32
N TYR B 293 -17.64 5.66 24.12
CA TYR B 293 -16.67 5.93 23.05
C TYR B 293 -15.88 4.69 22.64
N VAL B 294 -16.54 3.54 22.70
CA VAL B 294 -15.99 2.25 22.30
C VAL B 294 -16.40 2.01 20.85
N PHE B 295 -15.43 2.08 19.94
CA PHE B 295 -15.73 1.76 18.55
C PHE B 295 -15.76 0.24 18.35
N ASP B 296 -16.24 -0.17 17.18
CA ASP B 296 -16.42 -1.59 16.91
C ASP B 296 -15.11 -2.36 17.01
N TRP B 297 -14.02 -1.76 16.56
CA TRP B 297 -12.71 -2.39 16.66
C TRP B 297 -12.26 -2.29 18.12
N VAL C 6 -11.55 5.91 -6.93
CA VAL C 6 -11.18 6.52 -5.65
C VAL C 6 -9.81 7.19 -5.77
N ALA C 7 -9.28 7.25 -6.99
CA ALA C 7 -8.06 8.02 -7.26
C ALA C 7 -8.33 9.50 -7.03
N LEU C 9 -8.20 13.27 -7.95
CA LEU C 9 -8.17 13.98 -9.22
C LEU C 9 -8.03 15.48 -9.00
N THR C 10 -7.26 16.17 -9.84
CA THR C 10 -7.05 17.61 -9.64
C THR C 10 -7.80 18.50 -10.63
N VAL D 6 1.57 -8.54 -11.83
CA VAL D 6 2.38 -8.65 -10.62
C VAL D 6 1.64 -9.28 -9.43
N ALA D 7 0.37 -9.61 -9.64
CA ALA D 7 -0.38 -10.35 -8.63
C ALA D 7 0.20 -11.74 -8.38
N LEU D 9 -0.04 -15.43 -7.91
CA LEU D 9 -1.02 -16.41 -8.38
C LEU D 9 -0.78 -17.80 -7.79
N THR D 10 -1.84 -18.57 -7.58
CA THR D 10 -1.68 -19.91 -7.04
C THR D 10 -2.13 -20.96 -8.05
#